data_1JEU
#
_entry.id   1JEU
#
_cell.length_a   111.410
_cell.length_b   76.410
_cell.length_c   71.250
_cell.angle_alpha   90.00
_cell.angle_beta   90.00
_cell.angle_gamma   90.00
#
_symmetry.space_group_name_H-M   'P 21 21 21'
#
loop_
_entity.id
_entity.type
_entity.pdbx_description
1 polymer 'OLIGO-PEPTIDE BINDING PROTEIN'
2 polymer 'PEPTIDE LYS GLU LYS'
3 non-polymer 'URANYL (VI) ION'
4 water water
#
loop_
_entity_poly.entity_id
_entity_poly.type
_entity_poly.pdbx_seq_one_letter_code
_entity_poly.pdbx_strand_id
1 'polypeptide(L)'
;ADVPAGVQLADKQTLVRNNGSEVQSLDPHKIEGVPESNVSRDLFEGLLISDVEGHPSPGVAEKWENKDFKVWTFHLRENA
KWSDGTPVTAHDFVYSWQRLADPNTASPYASYLQYGHIANIDDIIAGKKPATDLGVKALDDHTFEVTLSEPVPYFYKLLV
HPSVSPVPKSAVEKFGDKWTQPANIVTNGAYKLKNWVVNERIVLERNPQYWDNAKTVINQVTYLPISSEVTDVNRYRSGE
IDMTYNNMPIELFQKLKKEIPNEVRVDPYLCTYYYEINNQKAPFNDVRVRTALKLALDRDIIVNKVKNQGDLPAYSYTPP
YTDGAKLVEPEWFKWSQQKRNEEAKKLLAEAGFTADKPLTFDLLYNTSDLHKKLAIAVASIWKKNLGVNVNLENQEWKTF
LDTRHQGTFDVARAGWCADYNEPTSFLNTMLSDSSNNTAHYKSPAFDKLIADTLKVADDTQRSELYAKAEQQLDKDSAIV
PVYYYVNARLVKPWVGGYTGKDPLDNIYVKNLYIIKH
;
A
2 'polypeptide(L)' KEK B
#
# COMPACT_ATOMS: atom_id res chain seq x y z
N ALA A 1 -18.45 10.23 -11.77
CA ALA A 1 -18.62 9.21 -12.83
C ALA A 1 -19.00 9.86 -14.16
N ASP A 2 -18.54 9.28 -15.25
CA ASP A 2 -18.87 9.76 -16.59
C ASP A 2 -19.60 8.64 -17.32
N VAL A 3 -20.91 8.62 -17.24
CA VAL A 3 -21.71 7.56 -17.86
C VAL A 3 -21.79 7.76 -19.37
N PRO A 4 -21.34 6.76 -20.11
CA PRO A 4 -21.30 6.76 -21.56
C PRO A 4 -22.69 6.85 -22.18
N ALA A 5 -22.77 7.60 -23.29
CA ALA A 5 -24.05 7.75 -23.99
C ALA A 5 -24.58 6.36 -24.37
N GLY A 6 -25.87 6.15 -24.12
CA GLY A 6 -26.51 4.90 -24.43
C GLY A 6 -26.70 3.96 -23.26
N VAL A 7 -25.85 4.03 -22.25
CA VAL A 7 -25.94 3.17 -21.08
C VAL A 7 -27.23 3.35 -20.30
N GLN A 8 -27.89 2.25 -19.97
CA GLN A 8 -29.12 2.25 -19.21
C GLN A 8 -28.79 2.06 -17.71
N LEU A 9 -29.06 3.08 -16.91
CA LEU A 9 -28.75 2.98 -15.48
C LEU A 9 -29.80 2.26 -14.67
N ALA A 10 -29.32 1.44 -13.74
CA ALA A 10 -30.21 0.70 -12.84
C ALA A 10 -30.97 1.71 -11.98
N ASP A 11 -32.15 1.33 -11.51
CA ASP A 11 -32.94 2.22 -10.66
C ASP A 11 -32.24 2.39 -9.31
N LYS A 12 -31.74 1.28 -8.76
CA LYS A 12 -31.04 1.29 -7.49
C LYS A 12 -29.52 1.34 -7.72
N GLN A 13 -28.91 2.41 -7.23
CA GLN A 13 -27.47 2.62 -7.41
C GLN A 13 -26.71 2.34 -6.12
N THR A 14 -26.58 1.07 -5.78
CA THR A 14 -25.89 0.62 -4.58
C THR A 14 -24.81 -0.40 -4.98
N LEU A 15 -23.75 -0.48 -4.20
CA LEU A 15 -22.63 -1.35 -4.49
C LEU A 15 -22.13 -2.07 -3.26
N VAL A 16 -21.69 -3.31 -3.41
CA VAL A 16 -21.11 -4.09 -2.32
C VAL A 16 -19.71 -4.55 -2.74
N ARG A 17 -18.70 -4.16 -1.99
CA ARG A 17 -17.32 -4.54 -2.29
C ARG A 17 -16.67 -5.28 -1.14
N ASN A 18 -15.91 -6.33 -1.39
CA ASN A 18 -15.18 -6.97 -0.29
C ASN A 18 -13.88 -6.16 -0.10
N ASN A 19 -13.43 -6.02 1.14
CA ASN A 19 -12.27 -5.20 1.46
C ASN A 19 -11.14 -5.96 2.12
N GLY A 20 -11.11 -7.28 2.04
CA GLY A 20 -10.07 -8.12 2.52
C GLY A 20 -9.84 -8.30 3.98
N SER A 21 -10.22 -7.39 4.85
CA SER A 21 -10.01 -7.51 6.29
C SER A 21 -10.66 -6.33 7.01
N GLU A 22 -10.70 -6.37 8.33
CA GLU A 22 -11.25 -5.27 9.11
C GLU A 22 -10.18 -4.15 9.13
N VAL A 23 -10.59 -2.92 8.84
CA VAL A 23 -9.62 -1.81 8.81
C VAL A 23 -8.97 -1.55 10.15
N GLN A 24 -7.74 -1.03 10.11
CA GLN A 24 -7.02 -0.66 11.31
C GLN A 24 -7.73 0.53 11.99
N SER A 25 -8.19 1.44 11.15
CA SER A 25 -8.81 2.69 11.59
C SER A 25 -9.40 3.43 10.40
N LEU A 26 -10.13 4.52 10.67
CA LEU A 26 -10.67 5.39 9.62
C LEU A 26 -9.97 6.76 9.68
N ASP A 27 -9.02 6.90 10.60
CA ASP A 27 -8.27 8.18 10.74
C ASP A 27 -7.10 8.13 9.77
N PRO A 28 -7.02 9.04 8.82
CA PRO A 28 -5.97 9.11 7.83
C PRO A 28 -4.55 9.08 8.34
N HIS A 29 -4.29 9.50 9.58
CA HIS A 29 -2.97 9.51 10.17
C HIS A 29 -2.63 8.25 10.95
N LYS A 30 -3.56 7.30 11.02
CA LYS A 30 -3.31 6.07 11.77
C LYS A 30 -3.36 4.82 10.88
N ILE A 31 -3.39 4.96 9.57
CA ILE A 31 -3.51 3.82 8.65
C ILE A 31 -2.31 3.61 7.75
N GLU A 32 -2.14 2.37 7.24
CA GLU A 32 -1.03 2.10 6.35
C GLU A 32 -1.31 1.05 5.28
N GLY A 33 -2.48 0.42 5.25
CA GLY A 33 -2.74 -0.65 4.28
C GLY A 33 -3.69 -0.35 3.15
N VAL A 34 -3.81 -1.34 2.24
CA VAL A 34 -4.72 -1.28 1.09
C VAL A 34 -6.17 -1.23 1.50
N PRO A 35 -6.63 -2.09 2.41
CA PRO A 35 -8.00 -2.07 2.90
C PRO A 35 -8.36 -0.71 3.49
N GLU A 36 -7.45 -0.16 4.29
CA GLU A 36 -7.65 1.14 4.94
C GLU A 36 -7.78 2.26 3.91
N SER A 37 -6.90 2.24 2.91
CA SER A 37 -6.88 3.25 1.86
C SER A 37 -8.07 3.15 0.92
N ASN A 38 -8.62 1.95 0.72
CA ASN A 38 -9.80 1.77 -0.12
C ASN A 38 -10.98 2.59 0.41
N VAL A 39 -11.19 2.53 1.72
CA VAL A 39 -12.26 3.28 2.38
C VAL A 39 -11.88 4.76 2.46
N SER A 40 -10.63 5.06 2.78
CA SER A 40 -10.18 6.45 2.92
C SER A 40 -10.39 7.29 1.68
N ARG A 41 -10.16 6.77 0.47
CA ARG A 41 -10.36 7.56 -0.76
C ARG A 41 -11.81 8.00 -0.95
N ASP A 42 -12.78 7.26 -0.44
CA ASP A 42 -14.18 7.61 -0.55
C ASP A 42 -14.57 8.68 0.48
N LEU A 43 -13.89 8.79 1.60
CA LEU A 43 -14.22 9.73 2.66
C LEU A 43 -13.38 10.99 2.77
N PHE A 44 -12.07 10.94 2.55
CA PHE A 44 -11.20 12.09 2.69
C PHE A 44 -10.47 12.41 1.39
N GLU A 45 -10.52 13.66 0.92
CA GLU A 45 -9.89 14.07 -0.32
C GLU A 45 -8.78 15.10 -0.09
N GLY A 46 -7.60 14.80 -0.60
CA GLY A 46 -6.43 15.65 -0.50
C GLY A 46 -6.28 16.67 -1.61
N LEU A 47 -5.06 17.20 -1.77
CA LEU A 47 -4.82 18.23 -2.80
C LEU A 47 -5.08 17.71 -4.21
N LEU A 48 -4.56 16.53 -4.52
CA LEU A 48 -4.73 15.89 -5.82
C LEU A 48 -5.40 14.51 -5.60
N ILE A 49 -6.01 13.97 -6.65
CA ILE A 49 -6.62 12.64 -6.62
C ILE A 49 -6.19 11.91 -7.92
N SER A 50 -6.43 10.61 -8.01
CA SER A 50 -6.11 9.90 -9.26
C SER A 50 -7.35 9.92 -10.16
N ASP A 51 -7.17 10.05 -11.47
CA ASP A 51 -8.36 9.98 -12.36
C ASP A 51 -8.67 8.48 -12.56
N VAL A 52 -9.60 8.09 -13.43
CA VAL A 52 -9.94 6.69 -13.62
C VAL A 52 -8.83 5.83 -14.21
N GLU A 53 -7.79 6.40 -14.80
CA GLU A 53 -6.69 5.60 -15.33
C GLU A 53 -5.45 5.72 -14.46
N GLY A 54 -5.56 6.43 -13.33
CA GLY A 54 -4.45 6.59 -12.43
C GLY A 54 -3.62 7.84 -12.55
N HIS A 55 -3.94 8.79 -13.43
CA HIS A 55 -3.12 10.00 -13.53
C HIS A 55 -3.43 10.99 -12.40
N PRO A 56 -2.39 11.56 -11.82
CA PRO A 56 -2.52 12.60 -10.80
C PRO A 56 -3.37 13.73 -11.36
N SER A 57 -4.45 14.12 -10.72
CA SER A 57 -5.37 15.14 -11.23
C SER A 57 -5.89 15.99 -10.07
N PRO A 58 -6.58 17.06 -10.38
CA PRO A 58 -7.13 17.97 -9.40
C PRO A 58 -8.05 17.36 -8.37
N GLY A 59 -7.78 17.67 -7.11
CA GLY A 59 -8.60 17.21 -5.98
C GLY A 59 -9.17 18.50 -5.33
N VAL A 60 -8.78 18.77 -4.08
CA VAL A 60 -9.19 20.03 -3.45
C VAL A 60 -8.49 21.19 -4.18
N ALA A 61 -7.25 20.98 -4.62
CA ALA A 61 -6.54 22.00 -5.39
C ALA A 61 -6.95 21.92 -6.87
N GLU A 62 -7.39 23.05 -7.43
CA GLU A 62 -7.78 23.07 -8.83
C GLU A 62 -6.60 23.39 -9.74
N LYS A 63 -5.55 24.01 -9.23
CA LYS A 63 -4.36 24.30 -10.02
C LYS A 63 -3.19 24.57 -9.07
N TRP A 64 -1.98 24.34 -9.56
CA TRP A 64 -0.78 24.50 -8.76
C TRP A 64 0.43 24.87 -9.61
N GLU A 65 1.44 25.45 -8.97
CA GLU A 65 2.67 25.85 -9.62
C GLU A 65 3.86 25.42 -8.75
N ASN A 66 5.04 25.43 -9.34
CA ASN A 66 6.25 25.12 -8.60
C ASN A 66 7.37 26.09 -9.03
N LYS A 67 8.22 26.41 -8.07
CA LYS A 67 9.37 27.27 -8.30
C LYS A 67 10.60 26.41 -8.00
N ASP A 68 11.32 26.03 -9.06
CA ASP A 68 12.52 25.21 -8.96
C ASP A 68 12.29 23.85 -8.30
N PHE A 69 11.08 23.33 -8.33
CA PHE A 69 10.65 22.09 -7.73
C PHE A 69 10.82 22.10 -6.21
N LYS A 70 10.93 23.25 -5.56
CA LYS A 70 11.13 23.40 -4.15
C LYS A 70 9.99 24.12 -3.44
N VAL A 71 9.36 25.09 -4.09
CA VAL A 71 8.23 25.80 -3.47
C VAL A 71 7.01 25.49 -4.37
N TRP A 72 6.07 24.75 -3.79
CA TRP A 72 4.86 24.33 -4.50
C TRP A 72 3.66 25.09 -3.98
N THR A 73 2.93 25.76 -4.86
CA THR A 73 1.76 26.55 -4.45
C THR A 73 0.48 25.97 -5.02
N PHE A 74 -0.44 25.65 -4.11
CA PHE A 74 -1.71 25.04 -4.49
C PHE A 74 -2.89 25.97 -4.32
N HIS A 75 -3.65 26.18 -5.39
CA HIS A 75 -4.83 27.03 -5.38
C HIS A 75 -6.08 26.19 -5.14
N LEU A 76 -6.64 26.26 -3.95
CA LEU A 76 -7.79 25.46 -3.57
C LEU A 76 -9.11 25.98 -4.11
N ARG A 77 -9.93 25.10 -4.68
CA ARG A 77 -11.22 25.51 -5.23
C ARG A 77 -12.08 26.10 -4.13
N GLU A 78 -12.81 27.18 -4.43
CA GLU A 78 -13.59 27.86 -3.40
C GLU A 78 -14.83 27.17 -2.93
N ASN A 79 -15.32 26.14 -3.62
CA ASN A 79 -16.52 25.43 -3.23
C ASN A 79 -16.22 24.10 -2.54
N ALA A 80 -14.98 23.88 -2.13
CA ALA A 80 -14.62 22.66 -1.40
C ALA A 80 -15.24 22.73 -0.02
N LYS A 81 -15.99 21.73 0.41
CA LYS A 81 -16.63 21.74 1.71
C LYS A 81 -16.62 20.37 2.41
N TRP A 82 -16.72 20.43 3.74
CA TRP A 82 -16.83 19.26 4.60
C TRP A 82 -18.29 18.81 4.61
N SER A 83 -18.58 17.63 5.12
CA SER A 83 -19.94 17.10 5.16
C SER A 83 -20.90 17.89 6.03
N ASP A 84 -20.41 18.74 6.94
CA ASP A 84 -21.24 19.58 7.80
C ASP A 84 -21.52 20.94 7.15
N GLY A 85 -21.12 21.13 5.90
CA GLY A 85 -21.34 22.33 5.16
C GLY A 85 -20.28 23.42 5.26
N THR A 86 -19.31 23.22 6.13
CA THR A 86 -18.24 24.22 6.30
C THR A 86 -17.16 24.04 5.27
N PRO A 87 -16.47 25.12 4.92
CA PRO A 87 -15.44 25.14 3.91
C PRO A 87 -14.17 24.37 4.28
N VAL A 88 -13.54 23.80 3.27
CA VAL A 88 -12.24 23.15 3.39
C VAL A 88 -11.24 24.26 3.02
N THR A 89 -10.33 24.60 3.93
CA THR A 89 -9.41 25.70 3.68
C THR A 89 -7.95 25.25 3.74
N ALA A 90 -7.04 26.19 3.44
CA ALA A 90 -5.61 25.92 3.53
C ALA A 90 -5.20 25.69 4.98
N HIS A 91 -5.94 26.26 5.93
CA HIS A 91 -5.67 26.06 7.35
C HIS A 91 -5.91 24.61 7.76
N ASP A 92 -6.86 23.93 7.10
CA ASP A 92 -7.11 22.51 7.38
C ASP A 92 -5.88 21.69 7.03
N PHE A 93 -5.27 22.01 5.88
CA PHE A 93 -4.08 21.30 5.44
C PHE A 93 -2.88 21.59 6.31
N VAL A 94 -2.74 22.83 6.83
CA VAL A 94 -1.64 23.15 7.72
C VAL A 94 -1.72 22.32 9.00
N TYR A 95 -2.89 22.33 9.63
CA TYR A 95 -3.13 21.56 10.83
C TYR A 95 -2.86 20.06 10.57
N SER A 96 -3.45 19.55 9.50
CA SER A 96 -3.33 18.13 9.17
C SER A 96 -1.93 17.65 8.94
N TRP A 97 -1.12 18.34 8.14
CA TRP A 97 0.26 17.91 7.91
C TRP A 97 1.09 18.08 9.16
N GLN A 98 0.77 19.06 10.02
CA GLN A 98 1.48 19.21 11.30
C GLN A 98 1.17 18.01 12.21
N ARG A 99 -0.07 17.56 12.23
CA ARG A 99 -0.47 16.41 13.06
C ARG A 99 0.22 15.12 12.58
N LEU A 100 0.36 14.96 11.26
CA LEU A 100 1.05 13.83 10.68
C LEU A 100 2.52 13.80 11.11
N ALA A 101 3.18 14.96 11.12
CA ALA A 101 4.56 15.09 11.49
C ALA A 101 4.85 14.94 12.98
N ASP A 102 3.90 15.31 13.82
CA ASP A 102 4.04 15.25 15.26
C ASP A 102 4.26 13.86 15.78
N PRO A 103 5.39 13.63 16.46
CA PRO A 103 5.72 12.37 17.08
C PRO A 103 4.64 11.83 18.00
N ASN A 104 3.85 12.67 18.67
CA ASN A 104 2.79 12.22 19.54
C ASN A 104 1.65 11.53 18.83
N THR A 105 1.48 11.78 17.54
CA THR A 105 0.45 11.12 16.74
C THR A 105 0.90 9.70 16.41
N ALA A 106 2.21 9.47 16.40
CA ALA A 106 2.76 8.15 16.15
C ALA A 106 2.22 7.53 14.87
N SER A 107 2.16 8.28 13.77
CA SER A 107 1.66 7.71 12.52
C SER A 107 2.68 6.77 11.90
N PRO A 108 2.22 5.66 11.32
CA PRO A 108 3.06 4.74 10.56
C PRO A 108 3.54 5.39 9.26
N TYR A 109 2.90 6.47 8.84
CA TYR A 109 3.27 7.23 7.67
C TYR A 109 3.89 8.58 7.99
N ALA A 110 4.44 8.77 9.20
CA ALA A 110 5.13 10.02 9.53
C ALA A 110 6.25 10.30 8.52
N SER A 111 6.97 9.27 8.07
CA SER A 111 8.04 9.40 7.10
C SER A 111 7.61 9.82 5.71
N TYR A 112 6.32 9.88 5.38
CA TYR A 112 5.86 10.35 4.07
C TYR A 112 6.34 11.79 3.83
N LEU A 113 6.39 12.58 4.90
CA LEU A 113 6.87 13.95 4.82
C LEU A 113 8.38 14.00 4.63
N GLN A 114 9.13 12.96 4.99
CA GLN A 114 10.56 12.88 4.72
C GLN A 114 10.77 12.49 3.25
N TYR A 115 9.89 11.63 2.72
CA TYR A 115 9.98 11.19 1.32
C TYR A 115 9.81 12.39 0.37
N GLY A 116 8.99 13.35 0.78
CA GLY A 116 8.75 14.57 0.02
C GLY A 116 9.69 15.71 0.41
N HIS A 117 10.47 15.53 1.47
CA HIS A 117 11.44 16.50 1.95
C HIS A 117 10.86 17.83 2.37
N ILE A 118 9.70 17.84 3.01
CA ILE A 118 9.12 19.10 3.52
C ILE A 118 10.13 19.67 4.52
N ALA A 119 10.42 20.96 4.45
CA ALA A 119 11.41 21.55 5.34
C ALA A 119 11.14 21.28 6.82
N ASN A 120 12.21 21.01 7.55
CA ASN A 120 12.25 20.78 8.98
C ASN A 120 11.68 19.47 9.49
N ILE A 121 11.28 18.54 8.64
CA ILE A 121 10.68 17.29 9.08
C ILE A 121 11.54 16.43 9.97
N ASP A 122 12.82 16.24 9.67
CA ASP A 122 13.69 15.40 10.48
C ASP A 122 13.77 15.87 11.93
N ASP A 123 13.88 17.17 12.17
CA ASP A 123 13.96 17.73 13.50
C ASP A 123 12.64 17.58 14.26
N ILE A 124 11.52 17.73 13.57
CA ILE A 124 10.21 17.57 14.21
C ILE A 124 10.01 16.14 14.64
N ILE A 125 10.35 15.18 13.75
CA ILE A 125 10.19 13.76 14.09
C ILE A 125 11.04 13.38 15.29
N ALA A 126 12.23 13.95 15.40
CA ALA A 126 13.17 13.70 16.48
C ALA A 126 12.88 14.45 17.77
N GLY A 127 11.94 15.39 17.78
CA GLY A 127 11.60 16.13 18.97
C GLY A 127 12.44 17.38 19.19
N LYS A 128 13.29 17.71 18.23
CA LYS A 128 14.17 18.87 18.32
C LYS A 128 13.42 20.16 18.01
N LYS A 129 12.44 20.08 17.11
CA LYS A 129 11.62 21.24 16.74
C LYS A 129 10.14 20.88 16.91
N PRO A 130 9.34 21.87 17.20
CA PRO A 130 7.91 21.73 17.36
C PRO A 130 7.27 21.49 15.99
N ALA A 131 6.13 20.82 15.92
CA ALA A 131 5.47 20.53 14.64
C ALA A 131 5.04 21.77 13.88
N THR A 132 4.82 22.89 14.57
CA THR A 132 4.44 24.16 13.98
C THR A 132 5.57 24.77 13.16
N ASP A 133 6.76 24.21 13.22
CA ASP A 133 7.91 24.59 12.44
C ASP A 133 7.93 23.95 11.06
N LEU A 134 7.00 23.05 10.78
CA LEU A 134 6.94 22.37 9.48
C LEU A 134 6.84 23.37 8.34
N GLY A 135 7.48 23.10 7.21
CA GLY A 135 7.50 23.93 6.05
C GLY A 135 6.22 24.03 5.24
N VAL A 136 5.09 24.29 5.86
CA VAL A 136 3.82 24.47 5.22
C VAL A 136 3.17 25.76 5.77
N LYS A 137 2.42 26.46 4.93
CA LYS A 137 1.73 27.66 5.39
C LYS A 137 0.52 27.97 4.52
N ALA A 138 -0.47 28.61 5.12
CA ALA A 138 -1.67 29.04 4.41
C ALA A 138 -1.41 30.52 4.05
N LEU A 139 -1.36 30.84 2.77
CA LEU A 139 -1.13 32.23 2.35
C LEU A 139 -2.42 33.02 2.49
N ASP A 140 -3.54 32.34 2.36
CA ASP A 140 -4.89 32.82 2.53
C ASP A 140 -5.79 31.59 2.72
N ASP A 141 -7.10 31.75 2.84
CA ASP A 141 -7.96 30.59 3.05
C ASP A 141 -7.92 29.59 1.90
N HIS A 142 -7.61 29.99 0.67
CA HIS A 142 -7.59 29.09 -0.47
C HIS A 142 -6.24 28.89 -1.10
N THR A 143 -5.15 29.13 -0.37
CA THR A 143 -3.82 28.96 -0.95
C THR A 143 -2.88 28.29 0.06
N PHE A 144 -2.41 27.10 -0.32
CA PHE A 144 -1.51 26.30 0.52
C PHE A 144 -0.13 26.26 -0.13
N GLU A 145 0.90 26.70 0.59
CA GLU A 145 2.26 26.73 0.08
C GLU A 145 3.16 25.76 0.84
N VAL A 146 3.85 24.89 0.11
CA VAL A 146 4.74 23.89 0.67
C VAL A 146 6.20 24.19 0.27
N THR A 147 7.08 24.23 1.26
CA THR A 147 8.50 24.50 1.00
C THR A 147 9.34 23.26 1.30
N LEU A 148 10.06 22.77 0.31
CA LEU A 148 10.91 21.59 0.45
C LEU A 148 12.36 21.99 0.69
N SER A 149 13.15 21.09 1.26
CA SER A 149 14.56 21.38 1.51
C SER A 149 15.45 21.14 0.30
N GLU A 150 14.93 20.59 -0.78
CA GLU A 150 15.66 20.35 -2.01
C GLU A 150 14.64 20.06 -3.12
N PRO A 151 15.05 20.16 -4.36
CA PRO A 151 14.20 19.95 -5.52
C PRO A 151 13.70 18.52 -5.63
N VAL A 152 12.38 18.38 -5.77
CA VAL A 152 11.71 17.09 -5.92
C VAL A 152 10.74 17.23 -7.10
N PRO A 153 11.18 16.88 -8.30
CA PRO A 153 10.40 17.00 -9.51
C PRO A 153 9.11 16.22 -9.52
N TYR A 154 9.08 15.06 -8.86
CA TYR A 154 7.89 14.23 -8.76
C TYR A 154 7.05 14.48 -7.52
N PHE A 155 7.29 15.55 -6.76
CA PHE A 155 6.57 15.83 -5.54
C PHE A 155 5.05 15.70 -5.64
N TYR A 156 4.40 16.32 -6.60
CA TYR A 156 2.96 16.30 -6.74
C TYR A 156 2.35 14.91 -6.83
N LYS A 157 3.07 13.93 -7.37
CA LYS A 157 2.62 12.55 -7.48
C LYS A 157 2.34 11.92 -6.11
N LEU A 158 3.04 12.34 -5.07
CA LEU A 158 2.84 11.83 -3.73
C LEU A 158 1.50 12.23 -3.13
N LEU A 159 0.95 13.36 -3.54
CA LEU A 159 -0.21 13.97 -2.97
C LEU A 159 -1.54 13.30 -3.04
N VAL A 160 -1.67 12.15 -3.69
CA VAL A 160 -2.90 11.40 -3.76
C VAL A 160 -3.06 10.44 -2.58
N HIS A 161 -2.05 10.23 -1.76
CA HIS A 161 -2.07 9.28 -0.65
C HIS A 161 -2.87 9.70 0.55
N PRO A 162 -3.51 8.81 1.28
CA PRO A 162 -4.33 9.10 2.44
C PRO A 162 -3.67 9.89 3.55
N SER A 163 -2.39 9.68 3.81
CA SER A 163 -1.64 10.35 4.86
C SER A 163 -1.65 11.87 4.76
N VAL A 164 -1.69 12.39 3.55
CA VAL A 164 -1.71 13.82 3.29
C VAL A 164 -3.09 14.38 3.00
N SER A 165 -4.14 13.65 3.37
CA SER A 165 -5.53 14.15 3.24
C SER A 165 -5.81 14.98 4.51
N PRO A 166 -6.77 15.85 4.48
CA PRO A 166 -7.14 16.69 5.60
C PRO A 166 -8.00 15.99 6.63
N VAL A 167 -7.88 16.38 7.89
CA VAL A 167 -8.70 15.85 8.99
C VAL A 167 -9.31 17.08 9.71
N PRO A 168 -10.50 16.93 10.24
CA PRO A 168 -11.23 18.01 10.91
C PRO A 168 -10.78 18.27 12.33
N LYS A 169 -10.00 19.35 12.54
CA LYS A 169 -9.48 19.70 13.84
C LYS A 169 -10.49 19.70 14.97
N SER A 170 -11.64 20.35 14.80
CA SER A 170 -12.65 20.43 15.86
C SER A 170 -13.13 19.07 16.33
N ALA A 171 -13.42 18.13 15.44
CA ALA A 171 -13.86 16.80 15.83
C ALA A 171 -12.73 16.04 16.52
N VAL A 172 -11.51 16.12 15.98
CA VAL A 172 -10.37 15.44 16.59
C VAL A 172 -10.19 15.92 18.02
N GLU A 173 -10.21 17.24 18.23
CA GLU A 173 -10.03 17.83 19.54
C GLU A 173 -11.16 17.57 20.52
N LYS A 174 -12.40 17.57 20.10
CA LYS A 174 -13.52 17.34 20.98
C LYS A 174 -13.76 15.88 21.35
N PHE A 175 -13.59 14.95 20.39
CA PHE A 175 -13.88 13.55 20.64
C PHE A 175 -12.68 12.64 20.75
N GLY A 176 -11.49 13.14 20.46
CA GLY A 176 -10.29 12.33 20.54
C GLY A 176 -10.34 11.12 19.61
N ASP A 177 -10.01 9.95 20.13
CA ASP A 177 -10.01 8.71 19.37
C ASP A 177 -11.36 8.28 18.84
N LYS A 178 -12.46 8.77 19.38
CA LYS A 178 -13.79 8.42 18.88
C LYS A 178 -14.31 9.41 17.84
N TRP A 179 -13.46 10.27 17.29
CA TRP A 179 -13.87 11.24 16.28
C TRP A 179 -14.37 10.60 14.99
N THR A 180 -13.93 9.38 14.69
CA THR A 180 -14.33 8.66 13.50
C THR A 180 -15.63 7.89 13.66
N GLN A 181 -16.24 7.90 14.84
CA GLN A 181 -17.54 7.21 14.98
C GLN A 181 -18.55 7.95 14.12
N PRO A 182 -19.55 7.28 13.59
CA PRO A 182 -20.56 7.85 12.72
C PRO A 182 -21.20 9.12 13.23
N ALA A 183 -21.47 9.22 14.54
CA ALA A 183 -22.11 10.40 15.10
C ALA A 183 -21.19 11.60 15.22
N ASN A 184 -19.88 11.40 15.23
CA ASN A 184 -18.92 12.46 15.38
C ASN A 184 -18.11 12.83 14.15
N ILE A 185 -17.92 11.91 13.22
CA ILE A 185 -17.08 12.15 12.06
C ILE A 185 -17.57 13.21 11.11
N VAL A 186 -16.63 13.90 10.44
CA VAL A 186 -16.88 14.93 9.43
C VAL A 186 -15.95 14.59 8.25
N THR A 187 -16.46 14.49 7.03
CA THR A 187 -15.65 14.10 5.87
C THR A 187 -15.74 15.01 4.67
N ASN A 188 -14.72 15.00 3.78
CA ASN A 188 -14.75 15.89 2.62
C ASN A 188 -14.69 15.20 1.26
N GLY A 189 -14.75 13.88 1.23
CA GLY A 189 -14.74 13.15 -0.04
C GLY A 189 -16.16 13.03 -0.56
N ALA A 190 -16.39 12.17 -1.56
CA ALA A 190 -17.70 12.00 -2.17
C ALA A 190 -18.72 11.32 -1.27
N TYR A 191 -18.28 10.61 -0.23
CA TYR A 191 -19.13 9.89 0.68
C TYR A 191 -18.95 10.29 2.14
N LYS A 192 -19.88 9.84 2.98
CA LYS A 192 -19.83 10.06 4.42
C LYS A 192 -20.11 8.71 5.11
N LEU A 193 -19.70 8.58 6.37
CA LEU A 193 -19.88 7.32 7.09
C LEU A 193 -21.28 7.16 7.65
N LYS A 194 -21.96 6.06 7.30
CA LYS A 194 -23.31 5.84 7.82
C LYS A 194 -23.31 4.84 8.97
N ASN A 195 -22.61 3.74 8.78
CA ASN A 195 -22.56 2.66 9.78
C ASN A 195 -21.20 1.98 9.82
N TRP A 196 -20.77 1.55 11.00
CA TRP A 196 -19.52 0.82 11.16
C TRP A 196 -19.67 -0.25 12.26
N VAL A 197 -19.84 -1.48 11.79
CA VAL A 197 -19.97 -2.65 12.65
C VAL A 197 -18.67 -3.47 12.47
N VAL A 198 -17.84 -3.44 13.50
CA VAL A 198 -16.54 -4.11 13.48
C VAL A 198 -16.71 -5.59 13.19
N ASN A 199 -16.02 -6.05 12.16
CA ASN A 199 -16.02 -7.41 11.68
C ASN A 199 -17.34 -7.83 11.03
N GLU A 200 -18.12 -6.87 10.56
CA GLU A 200 -19.35 -7.16 9.84
C GLU A 200 -19.43 -6.29 8.58
N ARG A 201 -19.43 -4.97 8.73
CA ARG A 201 -19.50 -4.11 7.55
C ARG A 201 -19.28 -2.63 7.85
N ILE A 202 -18.92 -1.89 6.81
CA ILE A 202 -18.80 -0.44 6.82
C ILE A 202 -19.75 0.06 5.72
N VAL A 203 -20.70 0.93 6.04
CA VAL A 203 -21.65 1.43 5.05
C VAL A 203 -21.45 2.94 4.86
N LEU A 204 -21.21 3.36 3.61
CA LEU A 204 -21.02 4.75 3.27
C LEU A 204 -22.18 5.26 2.43
N GLU A 205 -22.55 6.53 2.63
CA GLU A 205 -23.63 7.12 1.84
C GLU A 205 -23.13 8.40 1.18
N ARG A 206 -23.74 8.77 0.08
CA ARG A 206 -23.34 9.97 -0.66
C ARG A 206 -23.22 11.22 0.20
N ASN A 207 -22.21 12.05 -0.04
CA ASN A 207 -22.03 13.31 0.67
C ASN A 207 -22.50 14.43 -0.25
N PRO A 208 -23.65 15.01 0.05
CA PRO A 208 -24.25 16.08 -0.71
C PRO A 208 -23.44 17.36 -0.77
N GLN A 209 -22.56 17.58 0.18
CA GLN A 209 -21.71 18.75 0.23
C GLN A 209 -20.49 18.62 -0.66
N TYR A 210 -20.16 17.42 -1.13
CA TYR A 210 -18.97 17.25 -1.97
C TYR A 210 -19.02 18.18 -3.17
N TRP A 211 -17.93 18.88 -3.47
CA TRP A 211 -17.89 19.83 -4.58
C TRP A 211 -18.28 19.22 -5.93
N ASP A 212 -17.96 17.97 -6.19
CA ASP A 212 -18.29 17.32 -7.45
C ASP A 212 -19.47 16.36 -7.29
N ASN A 213 -20.32 16.57 -6.30
CA ASN A 213 -21.46 15.72 -6.04
C ASN A 213 -22.35 15.49 -7.23
N ALA A 214 -22.55 16.45 -8.12
CA ALA A 214 -23.41 16.25 -9.28
C ALA A 214 -22.96 15.12 -10.18
N LYS A 215 -21.68 14.76 -10.22
CA LYS A 215 -21.19 13.65 -11.04
C LYS A 215 -21.18 12.31 -10.34
N THR A 216 -21.40 12.26 -9.03
CA THR A 216 -21.45 10.98 -8.30
C THR A 216 -22.71 10.20 -8.66
N VAL A 217 -22.61 8.90 -8.94
CA VAL A 217 -23.76 8.09 -9.31
C VAL A 217 -24.19 7.12 -8.21
N ILE A 218 -23.27 6.36 -7.64
CA ILE A 218 -23.58 5.41 -6.57
C ILE A 218 -23.99 6.14 -5.30
N ASN A 219 -25.15 5.79 -4.73
CA ASN A 219 -25.66 6.44 -3.53
C ASN A 219 -25.19 5.81 -2.23
N GLN A 220 -24.88 4.52 -2.27
CA GLN A 220 -24.44 3.79 -1.10
C GLN A 220 -23.48 2.68 -1.49
N VAL A 221 -22.41 2.53 -0.73
CA VAL A 221 -21.43 1.46 -0.94
C VAL A 221 -21.15 0.78 0.39
N THR A 222 -21.13 -0.54 0.39
CA THR A 222 -20.82 -1.32 1.58
C THR A 222 -19.45 -2.01 1.41
N TYR A 223 -18.60 -1.92 2.40
CA TYR A 223 -17.28 -2.55 2.38
C TYR A 223 -17.30 -3.69 3.42
N LEU A 224 -17.02 -4.91 2.99
CA LEU A 224 -17.00 -6.05 3.90
C LEU A 224 -15.58 -6.44 4.27
N PRO A 225 -15.39 -7.09 5.41
CA PRO A 225 -14.11 -7.47 5.95
C PRO A 225 -13.74 -8.93 5.83
N ILE A 226 -14.09 -9.58 4.72
CA ILE A 226 -13.83 -11.01 4.55
C ILE A 226 -12.40 -11.34 4.16
N SER A 227 -11.67 -12.04 5.02
CA SER A 227 -10.28 -12.37 4.74
C SER A 227 -10.09 -13.68 3.97
N SER A 228 -11.14 -14.48 3.91
CA SER A 228 -11.12 -15.74 3.15
C SER A 228 -11.44 -15.45 1.69
N GLU A 229 -10.48 -15.66 0.80
CA GLU A 229 -10.73 -15.41 -0.62
C GLU A 229 -11.76 -16.35 -1.21
N VAL A 230 -11.79 -17.60 -0.71
CA VAL A 230 -12.80 -18.56 -1.16
C VAL A 230 -14.19 -18.08 -0.77
N THR A 231 -14.36 -17.59 0.46
CA THR A 231 -15.65 -17.06 0.92
C THR A 231 -16.06 -15.82 0.13
N ASP A 232 -15.09 -14.96 -0.17
CA ASP A 232 -15.38 -13.76 -0.98
C ASP A 232 -15.95 -14.19 -2.32
N VAL A 233 -15.29 -15.14 -3.01
CA VAL A 233 -15.81 -15.63 -4.30
C VAL A 233 -17.18 -16.28 -4.15
N ASN A 234 -17.41 -17.05 -3.09
CA ASN A 234 -18.71 -17.69 -2.88
C ASN A 234 -19.83 -16.66 -2.75
N ARG A 235 -19.60 -15.57 -1.99
CA ARG A 235 -20.63 -14.55 -1.79
C ARG A 235 -20.80 -13.66 -3.00
N TYR A 236 -19.79 -13.61 -3.86
CA TYR A 236 -19.88 -12.88 -5.12
C TYR A 236 -20.81 -13.70 -6.04
N ARG A 237 -20.52 -15.00 -6.17
CA ARG A 237 -21.30 -15.89 -7.03
C ARG A 237 -22.71 -16.12 -6.54
N SER A 238 -23.00 -15.97 -5.26
CA SER A 238 -24.36 -16.12 -4.75
C SER A 238 -25.18 -14.87 -5.03
N GLY A 239 -24.54 -13.76 -5.39
CA GLY A 239 -25.19 -12.52 -5.69
C GLY A 239 -25.00 -11.39 -4.68
N GLU A 240 -24.48 -11.67 -3.50
CA GLU A 240 -24.28 -10.67 -2.46
C GLU A 240 -23.22 -9.63 -2.76
N ILE A 241 -22.10 -10.04 -3.31
CA ILE A 241 -20.98 -9.13 -3.60
C ILE A 241 -20.86 -8.78 -5.07
N ASP A 242 -20.69 -7.49 -5.37
CA ASP A 242 -20.54 -6.99 -6.72
C ASP A 242 -19.10 -6.97 -7.22
N MET A 243 -18.15 -6.75 -6.32
CA MET A 243 -16.74 -6.68 -6.63
C MET A 243 -15.95 -7.39 -5.54
N THR A 244 -15.17 -8.43 -5.86
CA THR A 244 -14.39 -9.09 -4.82
C THR A 244 -13.17 -8.23 -4.46
N TYR A 245 -12.46 -8.64 -3.43
CA TYR A 245 -11.19 -8.02 -3.06
C TYR A 245 -10.16 -8.58 -4.05
N ASN A 246 -8.97 -8.04 -4.16
CA ASN A 246 -8.00 -8.50 -5.13
C ASN A 246 -6.80 -9.23 -4.53
N ASN A 247 -7.08 -10.39 -4.03
CA ASN A 247 -6.20 -11.43 -3.47
C ASN A 247 -6.98 -12.71 -3.86
N MET A 248 -6.50 -13.60 -4.70
CA MET A 248 -7.36 -14.73 -5.11
C MET A 248 -7.10 -16.09 -4.51
N PRO A 249 -8.20 -16.83 -4.32
CA PRO A 249 -8.25 -18.16 -3.75
C PRO A 249 -7.68 -19.27 -4.61
N ILE A 250 -6.68 -19.97 -4.10
CA ILE A 250 -6.03 -21.06 -4.82
C ILE A 250 -7.01 -22.17 -5.17
N GLU A 251 -7.90 -22.48 -4.26
CA GLU A 251 -8.92 -23.48 -4.36
C GLU A 251 -9.87 -23.30 -5.54
N LEU A 252 -10.31 -22.06 -5.80
CA LEU A 252 -11.25 -21.80 -6.88
C LEU A 252 -10.75 -21.11 -8.12
N PHE A 253 -9.83 -20.15 -8.10
CA PHE A 253 -9.39 -19.38 -9.21
C PHE A 253 -9.38 -19.92 -10.63
N GLN A 254 -8.68 -20.99 -10.95
CA GLN A 254 -8.62 -21.47 -12.34
C GLN A 254 -9.98 -21.84 -12.89
N LYS A 255 -10.80 -22.47 -12.07
CA LYS A 255 -12.19 -22.82 -12.40
C LYS A 255 -12.93 -21.60 -12.93
N LEU A 256 -12.78 -20.43 -12.30
CA LEU A 256 -13.40 -19.19 -12.65
C LEU A 256 -13.12 -18.64 -14.02
N LYS A 257 -11.89 -18.73 -14.55
CA LYS A 257 -11.65 -18.16 -15.89
C LYS A 257 -12.31 -18.99 -16.98
N LYS A 258 -12.64 -20.24 -16.71
CA LYS A 258 -13.35 -21.10 -17.64
C LYS A 258 -14.86 -20.89 -17.39
N GLU A 259 -15.22 -20.91 -16.11
CA GLU A 259 -16.62 -20.74 -15.72
C GLU A 259 -17.16 -19.38 -16.09
N ILE A 260 -16.49 -18.29 -15.68
CA ILE A 260 -16.96 -16.94 -15.95
C ILE A 260 -15.89 -16.00 -16.46
N PRO A 261 -15.42 -16.19 -17.69
CA PRO A 261 -14.37 -15.43 -18.31
C PRO A 261 -14.57 -13.94 -18.43
N ASN A 262 -15.78 -13.43 -18.60
CA ASN A 262 -15.99 -12.00 -18.76
C ASN A 262 -16.02 -11.24 -17.43
N GLU A 263 -16.08 -11.95 -16.31
CA GLU A 263 -16.12 -11.32 -15.00
C GLU A 263 -14.77 -11.33 -14.31
N VAL A 264 -13.80 -12.04 -14.88
CA VAL A 264 -12.47 -12.12 -14.29
C VAL A 264 -11.55 -11.05 -14.84
N ARG A 265 -11.27 -10.02 -14.03
CA ARG A 265 -10.37 -8.93 -14.44
C ARG A 265 -8.94 -9.20 -14.00
N VAL A 266 -7.96 -9.09 -14.90
CA VAL A 266 -6.56 -9.32 -14.57
C VAL A 266 -5.72 -8.20 -15.19
N ASP A 267 -5.13 -7.32 -14.39
CA ASP A 267 -4.35 -6.20 -14.87
C ASP A 267 -3.05 -6.01 -14.12
N PRO A 268 -2.10 -5.28 -14.67
CA PRO A 268 -0.83 -4.97 -14.03
C PRO A 268 -1.01 -4.29 -12.67
N TYR A 269 -0.13 -4.58 -11.74
CA TYR A 269 -0.20 -4.06 -10.36
C TYR A 269 1.19 -3.86 -9.80
N LEU A 270 1.49 -2.65 -9.32
CA LEU A 270 2.82 -2.35 -8.79
C LEU A 270 2.97 -2.74 -7.34
N CYS A 271 2.98 -4.05 -7.07
CA CYS A 271 3.11 -4.61 -5.74
C CYS A 271 4.04 -5.83 -5.78
N THR A 272 4.76 -6.09 -4.71
CA THR A 272 5.67 -7.22 -4.60
C THR A 272 5.35 -8.08 -3.37
N TYR A 273 5.20 -9.39 -3.58
CA TYR A 273 4.96 -10.38 -2.54
C TYR A 273 6.34 -10.88 -2.07
N TYR A 274 6.60 -10.86 -0.77
CA TYR A 274 7.90 -11.31 -0.27
C TYR A 274 7.82 -11.85 1.15
N TYR A 275 8.88 -12.53 1.58
CA TYR A 275 8.95 -12.98 2.96
C TYR A 275 9.93 -12.01 3.64
N GLU A 276 9.41 -11.29 4.61
CA GLU A 276 10.18 -10.28 5.36
C GLU A 276 10.96 -10.91 6.50
N ILE A 277 12.27 -10.66 6.54
CA ILE A 277 13.12 -11.19 7.61
C ILE A 277 13.36 -10.11 8.65
N ASN A 278 13.27 -10.45 9.94
CA ASN A 278 13.55 -9.44 10.98
C ASN A 278 15.08 -9.35 11.06
N ASN A 279 15.65 -8.32 10.44
CA ASN A 279 17.09 -8.17 10.34
C ASN A 279 17.83 -7.88 11.63
N GLN A 280 17.19 -7.43 12.69
CA GLN A 280 17.86 -7.11 13.94
C GLN A 280 17.83 -8.24 14.96
N LYS A 281 17.29 -9.40 14.62
CA LYS A 281 17.17 -10.51 15.53
C LYS A 281 17.94 -11.77 15.14
N ALA A 282 18.90 -12.16 16.01
CA ALA A 282 19.68 -13.37 15.78
C ALA A 282 18.73 -14.58 15.76
N PRO A 283 19.00 -15.52 14.88
CA PRO A 283 20.13 -15.55 13.98
C PRO A 283 19.95 -14.93 12.62
N PHE A 284 18.89 -14.14 12.43
CA PHE A 284 18.59 -13.49 11.17
C PHE A 284 19.39 -12.24 10.91
N ASN A 285 20.30 -11.90 11.82
CA ASN A 285 21.20 -10.78 11.64
C ASN A 285 22.49 -11.28 10.96
N ASP A 286 22.52 -12.55 10.62
CA ASP A 286 23.64 -13.16 9.91
C ASP A 286 23.28 -13.22 8.42
N VAL A 287 23.99 -12.51 7.57
CA VAL A 287 23.72 -12.50 6.13
C VAL A 287 23.69 -13.86 5.49
N ARG A 288 24.46 -14.85 5.93
CA ARG A 288 24.44 -16.19 5.35
C ARG A 288 23.09 -16.88 5.58
N VAL A 289 22.49 -16.67 6.74
CA VAL A 289 21.19 -17.28 7.05
C VAL A 289 20.11 -16.70 6.12
N ARG A 290 20.15 -15.37 5.98
CA ARG A 290 19.21 -14.69 5.09
C ARG A 290 19.36 -15.12 3.65
N THR A 291 20.60 -15.19 3.15
CA THR A 291 20.86 -15.62 1.78
C THR A 291 20.42 -17.05 1.54
N ALA A 292 20.65 -17.96 2.49
CA ALA A 292 20.22 -19.35 2.36
C ALA A 292 18.71 -19.45 2.16
N LEU A 293 17.94 -18.71 2.96
CA LEU A 293 16.48 -18.70 2.84
C LEU A 293 16.05 -18.13 1.48
N LYS A 294 16.70 -17.08 1.04
CA LYS A 294 16.41 -16.44 -0.23
C LYS A 294 16.63 -17.39 -1.41
N LEU A 295 17.77 -18.07 -1.45
CA LEU A 295 18.09 -18.99 -2.53
C LEU A 295 17.36 -20.32 -2.50
N ALA A 296 17.12 -20.92 -1.33
CA ALA A 296 16.44 -22.20 -1.25
C ALA A 296 14.96 -22.17 -1.55
N LEU A 297 14.34 -21.00 -1.61
CA LEU A 297 12.92 -20.92 -1.98
C LEU A 297 12.80 -21.14 -3.48
N ASP A 298 11.97 -22.08 -3.94
CA ASP A 298 11.82 -22.33 -5.36
C ASP A 298 10.65 -21.55 -5.93
N ARG A 299 10.94 -20.41 -6.57
CA ARG A 299 9.88 -19.57 -7.12
C ARG A 299 9.07 -20.26 -8.18
N ASP A 300 9.67 -21.09 -9.03
CA ASP A 300 8.91 -21.77 -10.08
C ASP A 300 7.84 -22.68 -9.54
N ILE A 301 8.12 -23.42 -8.47
CA ILE A 301 7.10 -24.28 -7.88
C ILE A 301 5.91 -23.42 -7.42
N ILE A 302 6.17 -22.52 -6.48
CA ILE A 302 5.16 -21.65 -5.91
C ILE A 302 4.37 -20.87 -6.94
N VAL A 303 5.04 -19.98 -7.65
CA VAL A 303 4.42 -19.13 -8.66
C VAL A 303 3.69 -19.91 -9.74
N ASN A 304 4.27 -20.97 -10.29
CA ASN A 304 3.63 -21.71 -11.36
C ASN A 304 2.82 -22.93 -10.96
N LYS A 305 3.24 -23.67 -9.94
CA LYS A 305 2.52 -24.88 -9.56
C LYS A 305 1.57 -24.66 -8.38
N VAL A 306 2.06 -24.09 -7.30
CA VAL A 306 1.26 -23.85 -6.10
C VAL A 306 0.19 -22.80 -6.28
N LYS A 307 0.57 -21.53 -6.37
CA LYS A 307 -0.40 -20.45 -6.54
C LYS A 307 -0.98 -20.45 -7.96
N ASN A 308 -0.10 -20.26 -8.94
CA ASN A 308 -0.49 -20.24 -10.35
C ASN A 308 -1.66 -19.32 -10.64
N GLN A 309 -1.51 -18.01 -10.42
CA GLN A 309 -2.61 -17.08 -10.67
C GLN A 309 -2.25 -15.91 -11.58
N GLY A 310 -1.11 -15.97 -12.26
CA GLY A 310 -0.69 -14.94 -13.18
C GLY A 310 0.56 -14.17 -12.83
N ASP A 311 1.18 -14.45 -11.69
CA ASP A 311 2.35 -13.79 -11.20
C ASP A 311 3.67 -14.18 -11.85
N LEU A 312 4.64 -13.30 -11.70
CA LEU A 312 5.99 -13.48 -12.23
C LEU A 312 6.96 -13.59 -11.05
N PRO A 313 7.89 -14.51 -11.13
CA PRO A 313 8.89 -14.74 -10.10
C PRO A 313 9.73 -13.48 -9.91
N ALA A 314 9.93 -13.09 -8.66
CA ALA A 314 10.61 -11.86 -8.32
C ALA A 314 12.04 -12.03 -7.86
N TYR A 315 12.89 -11.06 -8.21
CA TYR A 315 14.28 -11.04 -7.83
C TYR A 315 14.66 -9.70 -7.18
N SER A 316 13.67 -8.82 -7.02
CA SER A 316 13.89 -7.50 -6.45
C SER A 316 12.72 -7.06 -5.56
N TYR A 317 12.87 -5.89 -4.95
CA TYR A 317 11.81 -5.32 -4.10
C TYR A 317 10.96 -4.43 -5.00
N THR A 318 11.58 -3.40 -5.59
CA THR A 318 10.84 -2.54 -6.52
C THR A 318 10.49 -3.38 -7.75
N PRO A 319 9.25 -3.39 -8.15
CA PRO A 319 8.83 -4.10 -9.37
C PRO A 319 9.58 -3.50 -10.54
N PRO A 320 10.10 -4.30 -11.45
CA PRO A 320 10.88 -3.87 -12.59
C PRO A 320 10.15 -3.01 -13.59
N TYR A 321 8.83 -2.98 -13.59
CA TYR A 321 8.02 -2.20 -14.49
C TYR A 321 7.55 -0.88 -13.89
N THR A 322 8.09 -0.53 -12.71
CA THR A 322 7.81 0.75 -12.07
C THR A 322 8.38 1.86 -12.97
N ASP A 323 7.68 2.96 -13.10
CA ASP A 323 8.17 4.07 -13.93
C ASP A 323 9.51 4.55 -13.39
N GLY A 324 10.58 4.38 -14.16
CA GLY A 324 11.91 4.80 -13.76
C GLY A 324 12.79 3.65 -13.32
N ALA A 325 12.26 2.43 -13.34
CA ALA A 325 13.02 1.26 -12.93
C ALA A 325 13.76 0.65 -14.12
N LYS A 326 15.06 0.51 -13.98
CA LYS A 326 15.96 -0.10 -14.95
C LYS A 326 16.91 -1.00 -14.15
N LEU A 327 16.36 -2.09 -13.61
CA LEU A 327 17.07 -3.00 -12.75
C LEU A 327 17.96 -4.06 -13.36
N VAL A 328 19.00 -4.41 -12.61
CA VAL A 328 19.95 -5.44 -13.02
C VAL A 328 19.53 -6.77 -12.37
N GLU A 329 19.22 -7.77 -13.18
CA GLU A 329 18.81 -9.09 -12.66
C GLU A 329 20.03 -9.80 -12.14
N PRO A 330 20.01 -10.25 -10.90
CA PRO A 330 21.11 -10.92 -10.25
C PRO A 330 21.39 -12.30 -10.81
N GLU A 331 22.66 -12.74 -10.75
CA GLU A 331 23.04 -14.04 -11.27
C GLU A 331 22.40 -15.23 -10.60
N TRP A 332 22.16 -15.19 -9.29
CA TRP A 332 21.51 -16.31 -8.60
C TRP A 332 20.15 -16.63 -9.18
N PHE A 333 19.41 -15.66 -9.69
CA PHE A 333 18.09 -15.84 -10.25
C PHE A 333 18.11 -16.60 -11.57
N LYS A 334 19.22 -16.53 -12.29
CA LYS A 334 19.41 -17.21 -13.56
C LYS A 334 19.86 -18.65 -13.38
N TRP A 335 20.40 -19.01 -12.22
CA TRP A 335 20.85 -20.35 -11.96
C TRP A 335 19.69 -21.36 -11.94
N SER A 336 20.09 -22.63 -11.84
CA SER A 336 19.14 -23.71 -11.69
C SER A 336 18.79 -23.76 -10.19
N GLN A 337 17.64 -24.34 -9.85
CA GLN A 337 17.26 -24.44 -8.44
C GLN A 337 18.22 -25.31 -7.66
N GLN A 338 18.73 -26.37 -8.30
CA GLN A 338 19.68 -27.26 -7.65
C GLN A 338 20.97 -26.54 -7.32
N LYS A 339 21.41 -25.61 -8.17
CA LYS A 339 22.62 -24.84 -7.85
C LYS A 339 22.33 -23.90 -6.67
N ARG A 340 21.14 -23.29 -6.67
CA ARG A 340 20.72 -22.42 -5.58
C ARG A 340 20.65 -23.20 -4.25
N ASN A 341 20.08 -24.40 -4.29
CA ASN A 341 19.99 -25.24 -3.09
C ASN A 341 21.35 -25.56 -2.52
N GLU A 342 22.28 -25.99 -3.38
CA GLU A 342 23.63 -26.31 -2.95
C GLU A 342 24.28 -25.18 -2.18
N GLU A 343 24.23 -23.97 -2.75
CA GLU A 343 24.78 -22.78 -2.15
C GLU A 343 24.11 -22.43 -0.81
N ALA A 344 22.80 -22.60 -0.74
CA ALA A 344 22.05 -22.34 0.48
C ALA A 344 22.50 -23.28 1.60
N LYS A 345 22.57 -24.57 1.30
CA LYS A 345 23.01 -25.58 2.25
C LYS A 345 24.40 -25.27 2.77
N LYS A 346 25.31 -24.89 1.88
CA LYS A 346 26.68 -24.54 2.24
C LYS A 346 26.72 -23.33 3.16
N LEU A 347 25.93 -22.29 2.90
CA LEU A 347 25.90 -21.10 3.74
C LEU A 347 25.34 -21.36 5.13
N LEU A 348 24.31 -22.18 5.23
CA LEU A 348 23.71 -22.52 6.51
C LEU A 348 24.71 -23.30 7.37
N ALA A 349 25.42 -24.25 6.75
CA ALA A 349 26.43 -25.05 7.45
C ALA A 349 27.53 -24.12 7.97
N GLU A 350 27.88 -23.11 7.18
CA GLU A 350 28.83 -22.08 7.56
C GLU A 350 28.28 -21.21 8.69
N ALA A 351 26.96 -21.10 8.79
CA ALA A 351 26.29 -20.32 9.82
C ALA A 351 26.28 -21.02 11.18
N GLY A 352 26.54 -22.33 11.22
CA GLY A 352 26.60 -23.08 12.45
C GLY A 352 25.49 -24.07 12.67
N PHE A 353 24.70 -24.33 11.64
CA PHE A 353 23.58 -25.26 11.74
C PHE A 353 23.88 -26.64 11.23
N THR A 354 23.69 -27.63 12.12
CA THR A 354 23.91 -29.04 11.81
C THR A 354 22.55 -29.73 11.78
N ALA A 355 22.51 -31.06 11.81
CA ALA A 355 21.23 -31.76 11.82
C ALA A 355 20.80 -32.07 13.25
N ASP A 356 21.73 -31.90 14.18
CA ASP A 356 21.44 -32.13 15.60
C ASP A 356 20.90 -30.83 16.18
N LYS A 357 21.33 -29.74 15.56
CA LYS A 357 20.90 -28.38 15.91
C LYS A 357 20.55 -27.65 14.63
N PRO A 358 19.39 -27.99 14.08
CA PRO A 358 18.89 -27.41 12.84
C PRO A 358 18.38 -26.00 13.08
N LEU A 359 17.98 -25.34 12.02
CA LEU A 359 17.42 -23.99 12.15
C LEU A 359 15.90 -24.14 12.24
N THR A 360 15.34 -23.62 13.32
CA THR A 360 13.90 -23.67 13.56
C THR A 360 13.39 -22.26 13.86
N PHE A 361 12.34 -21.82 13.17
CA PHE A 361 11.84 -20.46 13.41
C PHE A 361 10.36 -20.36 13.07
N ASP A 362 9.76 -19.22 13.35
CA ASP A 362 8.36 -18.97 13.07
C ASP A 362 8.12 -18.26 11.74
N LEU A 363 7.00 -18.58 11.11
CA LEU A 363 6.58 -17.94 9.86
C LEU A 363 5.16 -17.37 10.15
N LEU A 364 5.12 -16.06 10.30
CA LEU A 364 3.89 -15.34 10.61
C LEU A 364 3.16 -14.91 9.36
N TYR A 365 1.86 -15.11 9.29
CA TYR A 365 1.08 -14.65 8.13
C TYR A 365 -0.27 -14.12 8.64
N ASN A 366 -0.92 -13.26 7.87
CA ASN A 366 -2.23 -12.74 8.25
C ASN A 366 -3.28 -13.70 7.70
N THR A 367 -4.33 -13.96 8.48
CA THR A 367 -5.42 -14.87 8.10
C THR A 367 -5.85 -14.69 6.66
N SER A 368 -5.80 -15.77 5.88
CA SER A 368 -6.10 -15.76 4.46
C SER A 368 -5.94 -17.14 3.82
N ASP A 369 -6.79 -17.49 2.87
CA ASP A 369 -6.65 -18.79 2.20
C ASP A 369 -5.37 -18.83 1.40
N LEU A 370 -5.12 -17.76 0.65
CA LEU A 370 -3.93 -17.62 -0.15
C LEU A 370 -2.65 -17.69 0.68
N HIS A 371 -2.56 -16.88 1.73
CA HIS A 371 -1.31 -16.86 2.53
C HIS A 371 -1.07 -18.16 3.25
N LYS A 372 -2.13 -18.78 3.77
CA LYS A 372 -1.98 -20.04 4.49
C LYS A 372 -1.44 -21.14 3.57
N LYS A 373 -2.09 -21.33 2.42
CA LYS A 373 -1.65 -22.35 1.46
C LYS A 373 -0.23 -22.11 0.98
N LEU A 374 0.14 -20.86 0.71
CA LEU A 374 1.51 -20.53 0.28
C LEU A 374 2.51 -20.77 1.40
N ALA A 375 2.15 -20.46 2.64
CA ALA A 375 3.05 -20.65 3.79
C ALA A 375 3.28 -22.14 4.04
N ILE A 376 2.26 -22.96 3.82
CA ILE A 376 2.40 -24.42 3.99
C ILE A 376 3.35 -24.94 2.91
N ALA A 377 3.20 -24.45 1.67
CA ALA A 377 4.09 -24.86 0.58
C ALA A 377 5.52 -24.40 0.80
N VAL A 378 5.73 -23.17 1.26
CA VAL A 378 7.07 -22.64 1.51
C VAL A 378 7.73 -23.38 2.67
N ALA A 379 6.98 -23.72 3.71
CA ALA A 379 7.49 -24.49 4.83
C ALA A 379 8.05 -25.83 4.32
N SER A 380 7.29 -26.49 3.45
CA SER A 380 7.67 -27.76 2.85
C SER A 380 8.89 -27.63 1.95
N ILE A 381 8.93 -26.60 1.11
CA ILE A 381 10.06 -26.35 0.22
C ILE A 381 11.33 -26.07 1.00
N TRP A 382 11.27 -25.29 2.09
CA TRP A 382 12.45 -25.00 2.88
C TRP A 382 12.92 -26.24 3.66
N LYS A 383 11.99 -27.08 4.10
CA LYS A 383 12.33 -28.32 4.80
C LYS A 383 13.06 -29.28 3.86
N LYS A 384 12.50 -29.48 2.68
CA LYS A 384 13.03 -30.37 1.67
C LYS A 384 14.36 -29.91 1.07
N ASN A 385 14.45 -28.64 0.68
CA ASN A 385 15.63 -28.10 0.04
C ASN A 385 16.71 -27.62 0.98
N LEU A 386 16.39 -27.30 2.22
CA LEU A 386 17.42 -26.77 3.13
C LEU A 386 17.47 -27.39 4.49
N GLY A 387 16.48 -28.20 4.87
CA GLY A 387 16.46 -28.86 6.16
C GLY A 387 16.07 -27.98 7.33
N VAL A 388 15.30 -26.91 7.09
CA VAL A 388 14.88 -26.03 8.18
C VAL A 388 13.45 -26.36 8.60
N ASN A 389 13.15 -26.09 9.86
CA ASN A 389 11.83 -26.34 10.43
C ASN A 389 11.12 -25.01 10.72
N VAL A 390 9.92 -24.84 10.17
CA VAL A 390 9.18 -23.60 10.40
C VAL A 390 7.86 -23.85 11.13
N ASN A 391 7.53 -22.97 12.07
CA ASN A 391 6.29 -23.05 12.81
C ASN A 391 5.34 -21.94 12.31
N LEU A 392 4.26 -22.32 11.67
CA LEU A 392 3.31 -21.34 11.15
C LEU A 392 2.42 -20.74 12.25
N GLU A 393 2.17 -19.42 12.13
CA GLU A 393 1.32 -18.69 13.05
C GLU A 393 0.46 -17.67 12.30
N ASN A 394 -0.86 -17.70 12.45
CA ASN A 394 -1.72 -16.72 11.82
C ASN A 394 -2.19 -15.66 12.82
N GLN A 395 -2.36 -14.43 12.36
CA GLN A 395 -2.85 -13.32 13.14
C GLN A 395 -3.80 -12.47 12.27
N GLU A 396 -4.77 -11.79 12.88
CA GLU A 396 -5.65 -10.91 12.11
C GLU A 396 -4.82 -9.70 11.61
N TRP A 397 -5.25 -9.07 10.53
CA TRP A 397 -4.55 -7.96 9.90
C TRP A 397 -4.00 -6.87 10.81
N LYS A 398 -4.85 -6.26 11.64
CA LYS A 398 -4.37 -5.17 12.50
C LYS A 398 -3.34 -5.63 13.50
N THR A 399 -3.50 -6.81 14.09
CA THR A 399 -2.54 -7.39 15.03
C THR A 399 -1.23 -7.72 14.33
N PHE A 400 -1.34 -8.33 13.16
CA PHE A 400 -0.20 -8.69 12.30
C PHE A 400 0.68 -7.49 11.99
N LEU A 401 0.11 -6.34 11.59
CA LEU A 401 0.92 -5.16 11.29
C LEU A 401 1.62 -4.64 12.53
N ASP A 402 0.94 -4.68 13.67
CA ASP A 402 1.48 -4.27 14.94
C ASP A 402 2.68 -5.14 15.32
N THR A 403 2.53 -6.45 15.20
CA THR A 403 3.62 -7.38 15.50
C THR A 403 4.86 -7.07 14.67
N ARG A 404 4.69 -6.80 13.38
CA ARG A 404 5.81 -6.50 12.50
C ARG A 404 6.50 -5.21 12.88
N HIS A 405 5.76 -4.15 13.24
CA HIS A 405 6.38 -2.89 13.67
C HIS A 405 7.14 -3.08 14.99
N GLN A 406 6.62 -3.88 15.90
CA GLN A 406 7.26 -4.13 17.18
C GLN A 406 8.53 -4.97 17.07
N GLY A 407 8.67 -5.76 16.03
CA GLY A 407 9.83 -6.62 15.87
C GLY A 407 9.67 -7.91 16.68
N THR A 408 8.42 -8.32 16.98
CA THR A 408 8.27 -9.57 17.75
C THR A 408 7.99 -10.75 16.82
N PHE A 409 8.96 -11.00 15.91
CA PHE A 409 8.85 -12.04 14.92
C PHE A 409 10.20 -12.48 14.36
N ASP A 410 10.13 -13.59 13.62
CA ASP A 410 11.30 -14.16 12.95
C ASP A 410 11.20 -13.82 11.46
N VAL A 411 10.28 -14.48 10.77
CA VAL A 411 10.03 -14.26 9.35
C VAL A 411 8.52 -14.03 9.20
N ALA A 412 8.12 -13.11 8.32
CA ALA A 412 6.73 -12.81 8.10
C ALA A 412 6.37 -12.66 6.63
N ARG A 413 5.18 -13.13 6.27
CA ARG A 413 4.68 -12.93 4.90
C ARG A 413 4.51 -11.41 4.75
N ALA A 414 4.85 -10.82 3.62
CA ALA A 414 4.77 -9.38 3.46
C ALA A 414 4.40 -8.98 2.03
N GLY A 415 4.04 -7.72 1.86
CA GLY A 415 3.69 -7.19 0.55
C GLY A 415 3.56 -5.67 0.58
N TRP A 416 4.19 -5.02 -0.38
CA TRP A 416 4.14 -3.56 -0.48
C TRP A 416 3.64 -3.16 -1.85
N CYS A 417 2.70 -2.23 -1.90
CA CYS A 417 2.17 -1.66 -3.13
C CYS A 417 2.61 -0.20 -3.23
N ALA A 418 2.98 0.28 -4.39
CA ALA A 418 3.41 1.67 -4.57
C ALA A 418 2.37 2.68 -4.13
N ASP A 419 2.83 3.82 -3.60
CA ASP A 419 1.93 4.91 -3.20
C ASP A 419 1.91 5.98 -4.31
N TYR A 420 3.00 6.03 -5.04
CA TYR A 420 3.20 6.92 -6.20
C TYR A 420 4.08 6.13 -7.18
N ASN A 421 3.91 6.31 -8.48
CA ASN A 421 4.68 5.53 -9.45
C ASN A 421 6.07 6.07 -9.73
N GLU A 422 7.00 5.69 -8.87
CA GLU A 422 8.41 6.09 -8.92
C GLU A 422 9.15 5.16 -7.95
N PRO A 423 10.33 4.71 -8.28
CA PRO A 423 11.08 3.77 -7.47
C PRO A 423 11.26 4.13 -6.02
N THR A 424 11.37 5.42 -5.63
CA THR A 424 11.51 5.77 -4.22
C THR A 424 10.29 5.40 -3.40
N SER A 425 9.11 5.20 -4.01
CA SER A 425 7.92 4.79 -3.26
C SER A 425 8.16 3.44 -2.58
N PHE A 426 9.01 2.60 -3.15
CA PHE A 426 9.43 1.35 -2.58
C PHE A 426 10.72 1.53 -1.78
N LEU A 427 11.77 2.06 -2.41
CA LEU A 427 13.08 2.21 -1.80
C LEU A 427 13.14 3.02 -0.52
N ASN A 428 12.31 4.04 -0.35
CA ASN A 428 12.29 4.85 0.86
C ASN A 428 11.87 4.09 2.11
N THR A 429 11.14 2.99 1.98
CA THR A 429 10.70 2.19 3.11
C THR A 429 11.79 1.35 3.74
N MET A 430 12.96 1.25 3.11
CA MET A 430 14.09 0.49 3.60
C MET A 430 15.17 1.40 4.20
N LEU A 431 14.91 2.70 4.23
CA LEU A 431 15.83 3.67 4.84
C LEU A 431 15.91 3.35 6.33
N SER A 432 17.06 3.46 6.99
CA SER A 432 17.17 3.11 8.39
C SER A 432 16.13 3.73 9.31
N ASP A 433 15.78 4.99 9.13
CA ASP A 433 14.83 5.66 10.00
C ASP A 433 13.40 5.76 9.48
N SER A 434 13.02 5.00 8.46
CA SER A 434 11.67 5.07 7.93
C SER A 434 10.63 4.46 8.88
N SER A 435 9.49 5.14 9.03
CA SER A 435 8.37 4.65 9.84
C SER A 435 7.72 3.44 9.20
N ASN A 436 7.94 3.18 7.91
CA ASN A 436 7.42 2.05 7.18
C ASN A 436 8.40 0.87 7.13
N ASN A 437 9.55 0.97 7.77
CA ASN A 437 10.54 -0.10 7.77
C ASN A 437 10.24 -1.18 8.81
N THR A 438 9.58 -2.26 8.36
CA THR A 438 9.23 -3.39 9.20
C THR A 438 10.23 -4.53 9.06
N ALA A 439 11.21 -4.38 8.16
CA ALA A 439 12.28 -5.37 8.01
C ALA A 439 13.32 -5.11 9.08
N HIS A 440 13.28 -3.90 9.65
CA HIS A 440 14.22 -3.45 10.66
C HIS A 440 15.65 -3.54 10.09
N TYR A 441 15.75 -3.10 8.85
CA TYR A 441 17.00 -3.08 8.09
C TYR A 441 17.61 -1.68 8.22
N LYS A 442 18.90 -1.63 8.52
CA LYS A 442 19.62 -0.38 8.67
C LYS A 442 20.98 -0.47 7.96
N SER A 443 21.09 0.19 6.81
CA SER A 443 22.31 0.18 6.02
C SER A 443 22.72 1.58 5.60
N PRO A 444 23.82 2.08 6.16
CA PRO A 444 24.38 3.38 5.83
C PRO A 444 24.67 3.51 4.35
N ALA A 445 25.19 2.45 3.71
CA ALA A 445 25.45 2.45 2.28
C ALA A 445 24.16 2.60 1.47
N PHE A 446 23.11 1.86 1.87
CA PHE A 446 21.82 1.95 1.20
C PHE A 446 21.26 3.36 1.34
N ASP A 447 21.28 3.90 2.57
CA ASP A 447 20.78 5.24 2.83
C ASP A 447 21.49 6.30 1.99
N LYS A 448 22.82 6.17 1.83
CA LYS A 448 23.58 7.13 1.04
C LYS A 448 23.20 7.11 -0.43
N LEU A 449 23.06 5.94 -1.04
CA LEU A 449 22.66 5.82 -2.44
C LEU A 449 21.34 6.55 -2.70
N ILE A 450 20.35 6.39 -1.80
CA ILE A 450 19.07 7.05 -1.97
C ILE A 450 19.18 8.55 -1.75
N ALA A 451 20.01 9.00 -0.80
CA ALA A 451 20.21 10.42 -0.56
C ALA A 451 20.76 11.14 -1.79
N ASP A 452 21.63 10.46 -2.54
CA ASP A 452 22.23 10.97 -3.74
C ASP A 452 21.30 11.09 -4.92
N THR A 453 20.13 10.45 -4.92
CA THR A 453 19.22 10.53 -6.05
C THR A 453 18.64 11.91 -6.29
N LEU A 454 18.54 12.75 -5.25
CA LEU A 454 18.04 14.11 -5.42
C LEU A 454 19.17 15.12 -5.49
N LYS A 455 20.40 14.62 -5.50
CA LYS A 455 21.59 15.45 -5.63
C LYS A 455 22.01 15.55 -7.10
N VAL A 456 21.44 14.71 -7.95
CA VAL A 456 21.69 14.73 -9.39
C VAL A 456 20.48 15.40 -10.05
N ALA A 457 20.64 16.01 -11.23
CA ALA A 457 19.52 16.69 -11.89
C ALA A 457 19.06 16.03 -13.17
N ASP A 458 19.27 14.73 -13.32
CA ASP A 458 18.81 14.03 -14.51
C ASP A 458 18.33 12.63 -14.13
N ASP A 459 17.38 12.11 -14.92
CA ASP A 459 16.80 10.80 -14.68
C ASP A 459 17.70 9.63 -15.00
N THR A 460 18.69 9.76 -15.89
CA THR A 460 19.57 8.63 -16.19
C THR A 460 20.45 8.29 -15.00
N GLN A 461 20.99 9.32 -14.34
CA GLN A 461 21.82 9.12 -13.16
C GLN A 461 20.97 8.62 -12.00
N ARG A 462 19.76 9.16 -11.91
CA ARG A 462 18.79 8.77 -10.88
C ARG A 462 18.45 7.29 -11.00
N SER A 463 18.11 6.83 -12.20
CA SER A 463 17.78 5.43 -12.42
C SER A 463 18.93 4.48 -12.15
N GLU A 464 20.17 4.89 -12.41
CA GLU A 464 21.35 4.07 -12.14
C GLU A 464 21.55 3.92 -10.64
N LEU A 465 21.27 4.97 -9.87
CA LEU A 465 21.37 4.92 -8.42
C LEU A 465 20.29 3.99 -7.84
N TYR A 466 19.07 4.04 -8.37
CA TYR A 466 18.02 3.12 -7.91
C TYR A 466 18.41 1.67 -8.15
N ALA A 467 19.01 1.39 -9.32
CA ALA A 467 19.47 0.03 -9.63
C ALA A 467 20.52 -0.43 -8.64
N LYS A 468 21.46 0.47 -8.29
CA LYS A 468 22.50 0.19 -7.32
C LYS A 468 21.93 -0.07 -5.92
N ALA A 469 20.88 0.67 -5.56
CA ALA A 469 20.21 0.52 -4.28
C ALA A 469 19.59 -0.87 -4.18
N GLU A 470 18.94 -1.34 -5.26
CA GLU A 470 18.38 -2.69 -5.27
C GLU A 470 19.49 -3.74 -5.15
N GLN A 471 20.64 -3.50 -5.81
CA GLN A 471 21.77 -4.41 -5.70
C GLN A 471 22.27 -4.47 -4.26
N GLN A 472 22.29 -3.34 -3.56
CA GLN A 472 22.72 -3.31 -2.16
C GLN A 472 21.79 -4.16 -1.30
N LEU A 473 20.48 -3.98 -1.50
CA LEU A 473 19.46 -4.73 -0.76
C LEU A 473 19.63 -6.22 -0.99
N ASP A 474 19.82 -6.61 -2.25
CA ASP A 474 20.03 -8.01 -2.64
C ASP A 474 21.31 -8.57 -2.06
N LYS A 475 22.38 -7.78 -2.09
CA LYS A 475 23.69 -8.16 -1.55
C LYS A 475 23.56 -8.53 -0.08
N ASP A 476 22.80 -7.72 0.66
CA ASP A 476 22.57 -7.95 2.07
C ASP A 476 21.43 -8.94 2.35
N SER A 477 20.75 -9.42 1.33
CA SER A 477 19.61 -10.31 1.49
C SER A 477 18.65 -9.79 2.56
N ALA A 478 18.24 -8.54 2.42
CA ALA A 478 17.32 -7.94 3.38
C ALA A 478 15.99 -8.65 3.41
N ILE A 479 15.49 -9.07 2.25
CA ILE A 479 14.23 -9.74 2.07
C ILE A 479 14.33 -10.99 1.19
N VAL A 480 13.23 -11.74 1.10
CA VAL A 480 13.11 -12.91 0.24
C VAL A 480 11.99 -12.60 -0.77
N PRO A 481 12.34 -12.07 -1.92
CA PRO A 481 11.38 -11.76 -2.98
C PRO A 481 10.71 -13.03 -3.48
N VAL A 482 9.39 -13.04 -3.67
CA VAL A 482 8.69 -14.23 -4.16
C VAL A 482 8.11 -13.99 -5.56
N TYR A 483 7.18 -13.05 -5.73
CA TYR A 483 6.60 -12.77 -7.04
C TYR A 483 6.04 -11.36 -7.09
N TYR A 484 5.83 -10.84 -8.31
CA TYR A 484 5.21 -9.52 -8.51
C TYR A 484 3.72 -9.82 -8.69
N TYR A 485 2.87 -9.17 -7.92
CA TYR A 485 1.45 -9.40 -7.97
C TYR A 485 0.84 -8.93 -9.30
N VAL A 486 -0.37 -9.44 -9.55
CA VAL A 486 -1.20 -9.03 -10.65
C VAL A 486 -2.53 -8.60 -9.97
N ASN A 487 -3.21 -7.62 -10.52
CA ASN A 487 -4.49 -7.19 -9.91
C ASN A 487 -5.62 -8.03 -10.51
N ALA A 488 -5.92 -9.14 -9.84
CA ALA A 488 -6.97 -10.06 -10.30
C ALA A 488 -8.17 -10.04 -9.38
N ARG A 489 -9.36 -9.78 -9.90
CA ARG A 489 -10.57 -9.74 -9.08
C ARG A 489 -11.79 -9.99 -9.96
N LEU A 490 -12.91 -10.32 -9.33
CA LEU A 490 -14.15 -10.54 -10.08
C LEU A 490 -15.00 -9.27 -10.00
N VAL A 491 -15.58 -8.85 -11.10
CA VAL A 491 -16.41 -7.66 -11.19
C VAL A 491 -17.68 -8.01 -11.98
N LYS A 492 -18.86 -7.84 -11.40
CA LYS A 492 -20.10 -8.19 -12.08
C LYS A 492 -20.22 -7.42 -13.38
N PRO A 493 -20.86 -8.01 -14.39
CA PRO A 493 -21.07 -7.41 -15.68
C PRO A 493 -21.70 -6.03 -15.61
N TRP A 494 -22.61 -5.78 -14.67
CA TRP A 494 -23.29 -4.52 -14.50
C TRP A 494 -22.50 -3.44 -13.78
N VAL A 495 -21.30 -3.68 -13.32
CA VAL A 495 -20.51 -2.61 -12.68
C VAL A 495 -19.70 -1.86 -13.74
N GLY A 496 -20.03 -0.58 -13.93
CA GLY A 496 -19.31 0.23 -14.92
C GLY A 496 -18.33 1.20 -14.26
N GLY A 497 -17.33 1.64 -15.02
CA GLY A 497 -16.34 2.59 -14.56
C GLY A 497 -15.02 2.04 -14.10
N TYR A 498 -14.91 0.73 -13.93
CA TYR A 498 -13.67 0.10 -13.48
C TYR A 498 -12.86 -0.34 -14.71
N THR A 499 -11.83 0.45 -15.04
CA THR A 499 -11.01 0.16 -16.20
C THR A 499 -9.91 -0.85 -15.92
N GLY A 500 -9.30 -0.76 -14.74
CA GLY A 500 -8.17 -1.61 -14.35
C GLY A 500 -6.88 -1.06 -14.96
N LYS A 501 -6.91 0.16 -15.50
CA LYS A 501 -5.80 0.80 -16.16
C LYS A 501 -4.77 1.39 -15.22
N ASP A 502 -5.17 1.66 -13.99
CA ASP A 502 -4.28 2.21 -12.98
C ASP A 502 -3.50 1.11 -12.29
N PRO A 503 -2.19 1.10 -12.45
CA PRO A 503 -1.30 0.11 -11.86
C PRO A 503 -1.22 0.22 -10.35
N LEU A 504 -1.74 1.28 -9.74
CA LEU A 504 -1.77 1.45 -8.30
C LEU A 504 -3.17 1.10 -7.75
N ASP A 505 -4.13 0.87 -8.63
CA ASP A 505 -5.49 0.51 -8.25
C ASP A 505 -6.12 1.46 -7.25
N ASN A 506 -6.01 2.75 -7.51
CA ASN A 506 -6.59 3.78 -6.64
C ASN A 506 -8.02 4.10 -7.06
N ILE A 507 -8.93 3.19 -6.79
CA ILE A 507 -10.35 3.27 -7.13
C ILE A 507 -11.11 4.26 -6.25
N TYR A 508 -12.02 4.99 -6.87
CA TYR A 508 -12.91 5.91 -6.20
C TYR A 508 -14.34 5.48 -6.57
N VAL A 509 -15.19 5.17 -5.60
CA VAL A 509 -16.58 4.76 -5.91
C VAL A 509 -17.36 5.85 -6.60
N LYS A 510 -17.00 7.14 -6.45
CA LYS A 510 -17.65 8.23 -7.15
C LYS A 510 -17.52 8.11 -8.67
N ASN A 511 -16.60 7.31 -9.19
CA ASN A 511 -16.38 7.08 -10.59
C ASN A 511 -17.11 5.86 -11.16
N LEU A 512 -17.78 5.06 -10.34
CA LEU A 512 -18.49 3.87 -10.82
C LEU A 512 -19.98 4.10 -11.01
N TYR A 513 -20.67 3.13 -11.63
CA TYR A 513 -22.10 3.21 -11.86
C TYR A 513 -22.69 1.82 -12.11
N ILE A 514 -23.98 1.66 -11.82
CA ILE A 514 -24.64 0.38 -12.01
C ILE A 514 -25.52 0.39 -13.26
N ILE A 515 -25.23 -0.53 -14.17
CA ILE A 515 -25.97 -0.64 -15.43
C ILE A 515 -27.23 -1.48 -15.19
N LYS A 516 -28.35 -1.13 -15.82
CA LYS A 516 -29.58 -1.87 -15.63
C LYS A 516 -29.39 -3.35 -15.98
N HIS A 517 -29.84 -4.23 -15.11
CA HIS A 517 -29.71 -5.67 -15.31
C HIS A 517 -30.84 -6.43 -14.62
N LYS B 1 1.94 1.34 0.44
CA LYS B 1 0.91 0.83 1.40
C LYS B 1 1.02 -0.68 1.58
N GLU B 2 0.68 -1.20 2.76
CA GLU B 2 0.78 -2.63 3.04
C GLU B 2 -0.32 -3.44 2.38
N LYS B 3 0.05 -4.59 1.80
CA LYS B 3 -0.89 -5.49 1.15
C LYS B 3 -0.86 -6.88 1.76
#